data_7TOI
#
_entry.id   7TOI
#
_cell.length_a   57.390
_cell.length_b   42.560
_cell.length_c   76.470
_cell.angle_alpha   90.000
_cell.angle_beta   108.300
_cell.angle_gamma   90.000
#
_symmetry.space_group_name_H-M   'P 1 21 1'
#
loop_
_entity.id
_entity.type
_entity.pdbx_description
1 polymer 'SGNH hydrolase'
2 non-polymer 'ACETATE ION'
3 water water
#
_entity_poly.entity_id   1
_entity_poly.type   'polypeptide(L)'
_entity_poly.pdbx_seq_one_letter_code
;(MSE)QNKTTASKSWVGTWATAPQLVEPRN(MSE)PPAPGLTNSTLRQVVCVSIGGKQLQFRFSNRFSKSPVT(MSE)KT
VHIAVSKGGSEIEPSTSKELTFNGQPDVT(MSE)EPGKAVISDPISFNLKPR(MSE)LVAITISFGETSPDVTGHPGSRT
TSYLLAGDQSSPDADFSQAVKTDHWYVINGIDL(MSE)AQKRAAAIAILGNSITDGRGSGTNKQDRWPDELALRLLKNKR
TRDIGVLN(MSE)GIGGNCVLHGGLGPTALSRFNRDILKQHGVRWLIIFEGVNDIGGTPDKEAADKVAQGLIAAYDK
(MSE)IDEAHAKGIKVYGGTITPIKKSFYYKDYRETARQTVNKWIRTSGHFDAVIDFDKA(MSE)RNPKDTLTLRPEAQS
GDYLHPNELGYRI(MSE)AGAIDLSLFKE
;
_entity_poly.pdbx_strand_id   A
#
# COMPACT_ATOMS: atom_id res chain seq x y z
N SER A 8 -22.23 -15.98 8.38
CA SER A 8 -22.71 -14.99 7.43
C SER A 8 -21.77 -13.79 7.27
N LYS A 9 -20.82 -13.62 8.19
CA LYS A 9 -19.76 -12.63 8.04
C LYS A 9 -18.38 -13.30 7.99
N SER A 10 -17.45 -12.60 7.35
CA SER A 10 -16.06 -13.06 7.24
C SER A 10 -15.18 -11.82 7.17
N TRP A 11 -13.88 -12.02 7.31
CA TRP A 11 -12.97 -10.88 7.32
C TRP A 11 -12.79 -10.30 5.93
N VAL A 12 -12.78 -8.99 5.84
CA VAL A 12 -12.48 -8.26 4.61
C VAL A 12 -11.47 -7.16 4.95
N GLY A 13 -10.40 -7.07 4.17
CA GLY A 13 -9.45 -6.01 4.40
C GLY A 13 -10.00 -4.63 4.10
N THR A 14 -9.61 -3.65 4.94
CA THR A 14 -9.94 -2.25 4.70
C THR A 14 -8.72 -1.35 4.55
N TRP A 15 -7.58 -1.72 5.13
CA TRP A 15 -6.34 -0.98 4.97
C TRP A 15 -5.23 -2.02 5.04
N ALA A 16 -4.19 -1.80 4.24
CA ALA A 16 -2.97 -2.57 4.41
C ALA A 16 -1.81 -1.75 3.87
N THR A 17 -0.60 -2.17 4.23
CA THR A 17 0.61 -1.58 3.66
C THR A 17 1.63 -2.69 3.49
N ALA A 18 2.39 -2.65 2.41
CA ALA A 18 3.25 -3.79 2.06
C ALA A 18 4.57 -3.70 2.80
N PRO A 19 4.97 -4.75 3.50
CA PRO A 19 6.17 -4.70 4.33
C PRO A 19 7.45 -4.96 3.55
N GLN A 20 8.55 -4.51 4.14
CA GLN A 20 9.88 -4.77 3.61
C GLN A 20 10.87 -4.62 4.76
N LEU A 21 12.11 -5.00 4.50
CA LEU A 21 13.22 -4.60 5.36
C LEU A 21 13.49 -3.11 5.15
N VAL A 22 13.46 -2.35 6.23
CA VAL A 22 13.74 -0.92 6.19
C VAL A 22 15.24 -0.70 5.97
N GLU A 23 15.57 0.12 4.96
CA GLU A 23 16.94 0.46 4.65
C GLU A 23 17.49 1.40 5.72
N PRO A 24 18.82 1.42 5.93
CA PRO A 24 19.36 2.34 6.97
C PRO A 24 18.89 3.79 6.84
N ARG A 25 18.79 4.32 5.62
CA ARG A 25 18.40 5.71 5.46
C ARG A 25 16.97 5.97 5.91
N ASN A 26 16.15 4.93 6.00
CA ASN A 26 14.74 5.04 6.38
C ASN A 26 14.47 4.55 7.79
N PRO A 28 14.14 4.54 11.92
CA PRO A 28 13.57 5.52 12.86
C PRO A 28 14.65 6.48 13.38
N PRO A 29 14.35 7.76 13.57
CA PRO A 29 15.31 8.67 14.21
C PRO A 29 15.44 8.31 15.70
N ALA A 30 16.41 8.90 16.36
CA ALA A 30 16.49 8.82 17.79
C ALA A 30 15.16 9.33 18.35
N PRO A 31 14.59 8.69 19.37
CA PRO A 31 15.23 7.72 20.26
C PRO A 31 15.11 6.28 19.84
N GLY A 32 14.72 5.98 18.61
CA GLY A 32 14.59 4.60 18.16
C GLY A 32 13.37 3.90 18.70
N LEU A 33 13.10 2.67 18.23
CA LEU A 33 11.86 2.00 18.63
C LEU A 33 11.99 1.30 19.98
N THR A 34 13.15 0.78 20.33
CA THR A 34 13.26 -0.01 21.54
C THR A 34 12.92 0.84 22.74
N ASN A 35 12.01 0.34 23.57
CA ASN A 35 11.61 1.04 24.78
C ASN A 35 11.08 2.43 24.49
N SER A 36 10.39 2.58 23.37
CA SER A 36 9.77 3.83 22.96
C SER A 36 8.32 3.59 22.56
N THR A 37 7.59 4.67 22.35
CA THR A 37 6.19 4.65 21.94
C THR A 37 6.03 5.37 20.62
N LEU A 38 5.43 4.69 19.66
CA LEU A 38 5.28 5.16 18.28
C LEU A 38 3.79 5.28 17.95
N ARG A 39 3.37 6.45 17.54
CA ARG A 39 2.00 6.69 17.08
C ARG A 39 1.99 6.84 15.55
N GLN A 40 1.14 6.06 14.90
CA GLN A 40 1.02 6.04 13.45
C GLN A 40 -0.43 6.28 13.08
N VAL A 41 -0.67 6.83 11.91
CA VAL A 41 -2.00 7.14 11.42
C VAL A 41 -2.20 6.43 10.10
N VAL A 42 -3.35 5.77 9.96
CA VAL A 42 -3.74 5.12 8.71
C VAL A 42 -5.14 5.58 8.33
N CYS A 43 -5.47 5.47 7.03
CA CYS A 43 -6.79 5.90 6.55
C CYS A 43 -7.46 4.68 5.93
N VAL A 44 -8.51 4.21 6.55
CA VAL A 44 -9.20 3.02 6.09
C VAL A 44 -10.07 3.33 4.88
N SER A 45 -10.58 2.28 4.24
CA SER A 45 -11.47 2.43 3.10
C SER A 45 -12.89 2.20 3.60
N ILE A 46 -13.39 0.97 3.56
CA ILE A 46 -14.71 0.64 4.11
C ILE A 46 -14.68 0.68 5.63
N GLY A 47 -15.86 0.95 6.21
CA GLY A 47 -16.07 0.91 7.64
C GLY A 47 -16.68 -0.40 8.10
N GLY A 48 -16.80 -0.51 9.43
CA GLY A 48 -17.38 -1.70 10.04
C GLY A 48 -17.32 -1.58 11.54
N LYS A 49 -17.60 -2.67 12.23
CA LYS A 49 -17.80 -2.66 13.67
C LYS A 49 -16.87 -3.58 14.46
N GLN A 50 -16.36 -4.64 13.84
CA GLN A 50 -15.50 -5.61 14.51
CA GLN A 50 -15.50 -5.60 14.52
C GLN A 50 -14.24 -5.73 13.67
N LEU A 51 -13.10 -5.46 14.27
CA LEU A 51 -11.84 -5.34 13.57
C LEU A 51 -10.80 -6.32 14.09
N GLN A 52 -9.81 -6.59 13.25
CA GLN A 52 -8.57 -7.19 13.70
C GLN A 52 -7.42 -6.39 13.09
N PHE A 53 -6.31 -6.31 13.82
CA PHE A 53 -5.14 -5.55 13.42
C PHE A 53 -3.98 -6.52 13.25
N ARG A 54 -3.26 -6.37 12.14
CA ARG A 54 -2.15 -7.23 11.78
C ARG A 54 -0.85 -6.46 11.81
N PHE A 55 0.19 -7.11 12.34
CA PHE A 55 1.50 -6.52 12.57
C PHE A 55 2.51 -7.50 12.02
N SER A 56 3.54 -7.00 11.34
CA SER A 56 4.51 -7.87 10.67
C SER A 56 5.91 -7.73 11.24
N ASN A 57 6.57 -8.88 11.38
CA ASN A 57 7.98 -9.01 11.69
C ASN A 57 8.68 -9.80 10.59
N ARG A 58 8.12 -9.79 9.37
CA ARG A 58 8.52 -10.69 8.30
C ARG A 58 9.96 -10.49 7.89
N PHE A 59 10.46 -9.26 7.98
CA PHE A 59 11.80 -8.92 7.53
C PHE A 59 12.75 -8.61 8.67
N SER A 60 12.47 -9.12 9.86
CA SER A 60 13.32 -8.91 11.01
C SER A 60 13.85 -10.25 11.48
N LYS A 61 15.10 -10.25 11.92
CA LYS A 61 15.81 -11.46 12.31
C LYS A 61 15.90 -11.64 13.82
N SER A 62 15.30 -10.71 14.57
CA SER A 62 15.18 -10.76 16.02
C SER A 62 13.70 -10.66 16.38
N PRO A 63 13.29 -11.20 17.53
CA PRO A 63 11.91 -10.97 17.99
C PRO A 63 11.64 -9.50 18.29
N VAL A 64 10.40 -9.11 18.19
CA VAL A 64 9.99 -7.74 18.49
C VAL A 64 8.82 -7.81 19.46
N THR A 65 8.94 -7.10 20.57
CA THR A 65 7.91 -7.09 21.61
C THR A 65 7.15 -5.77 21.57
N LYS A 67 4.70 -3.99 24.02
CA LYS A 67 4.16 -4.02 25.37
C LYS A 67 2.68 -3.69 25.41
N THR A 68 2.25 -2.72 24.61
CA THR A 68 0.84 -2.41 24.49
C THR A 68 0.59 -1.84 23.11
N VAL A 69 -0.64 -1.98 22.66
CA VAL A 69 -1.10 -1.34 21.43
C VAL A 69 -2.47 -0.75 21.72
N HIS A 70 -2.66 0.52 21.41
CA HIS A 70 -3.95 1.18 21.50
C HIS A 70 -4.36 1.70 20.14
N ILE A 71 -5.66 1.81 19.94
CA ILE A 71 -6.24 2.38 18.75
C ILE A 71 -7.18 3.50 19.16
N ALA A 72 -7.31 4.51 18.30
CA ALA A 72 -8.15 5.66 18.62
C ALA A 72 -8.45 6.40 17.33
N VAL A 73 -9.45 7.26 17.36
CA VAL A 73 -9.68 8.14 16.21
C VAL A 73 -8.65 9.25 16.22
N SER A 74 -7.99 9.45 15.10
CA SER A 74 -7.02 10.55 14.94
C SER A 74 -7.75 11.85 14.70
N LYS A 75 -7.28 12.93 15.33
CA LYS A 75 -7.83 14.25 15.10
C LYS A 75 -6.95 15.10 14.19
N GLY A 76 -6.00 14.51 13.51
CA GLY A 76 -5.03 15.30 12.79
C GLY A 76 -3.72 15.39 13.55
N GLY A 77 -2.63 15.45 12.80
CA GLY A 77 -1.33 15.45 13.42
C GLY A 77 -1.19 14.26 14.34
N SER A 78 -0.67 14.56 15.52
CA SER A 78 -0.41 13.53 16.50
C SER A 78 -1.50 13.40 17.53
N GLU A 79 -2.58 14.12 17.39
CA GLU A 79 -3.63 14.14 18.39
C GLU A 79 -4.71 13.11 18.12
N ILE A 80 -5.35 12.67 19.20
CA ILE A 80 -6.42 11.70 19.13
C ILE A 80 -7.63 12.24 19.86
N GLU A 81 -8.77 11.58 19.63
CA GLU A 81 -9.96 11.77 20.47
C GLU A 81 -9.86 10.79 21.62
N PRO A 82 -9.48 11.22 22.83
CA PRO A 82 -9.14 10.24 23.87
C PRO A 82 -10.27 9.34 24.30
N SER A 83 -11.52 9.81 24.25
CA SER A 83 -12.62 8.94 24.64
C SER A 83 -12.82 7.77 23.69
N THR A 84 -12.15 7.78 22.54
CA THR A 84 -12.26 6.69 21.58
C THR A 84 -11.19 5.63 21.75
N SER A 85 -10.23 5.84 22.64
CA SER A 85 -9.09 4.92 22.72
C SER A 85 -9.49 3.57 23.29
N LYS A 86 -8.93 2.52 22.71
CA LYS A 86 -9.13 1.15 23.17
C LYS A 86 -7.81 0.40 23.08
N GLU A 87 -7.60 -0.55 23.98
CA GLU A 87 -6.41 -1.38 23.97
C GLU A 87 -6.66 -2.67 23.20
N LEU A 88 -5.72 -3.04 22.34
CA LEU A 88 -5.77 -4.35 21.69
C LEU A 88 -5.28 -5.43 22.62
N THR A 89 -5.68 -6.65 22.35
CA THR A 89 -5.16 -7.80 23.07
C THR A 89 -4.76 -8.89 22.09
N PHE A 90 -3.90 -9.78 22.59
CA PHE A 90 -3.29 -10.86 21.82
C PHE A 90 -3.45 -12.06 22.75
N ASN A 91 -4.45 -12.91 22.50
CA ASN A 91 -4.79 -13.98 23.44
C ASN A 91 -5.06 -13.43 24.82
N GLY A 92 -5.81 -12.34 24.87
CA GLY A 92 -6.20 -11.74 26.10
C GLY A 92 -5.19 -10.81 26.71
N GLN A 93 -3.91 -10.87 26.28
CA GLN A 93 -2.88 -10.09 26.96
C GLN A 93 -2.54 -8.85 26.15
N PRO A 94 -2.18 -7.75 26.81
CA PRO A 94 -1.85 -6.53 26.07
C PRO A 94 -0.56 -6.63 25.31
N ASP A 95 0.36 -7.43 25.79
CA ASP A 95 1.72 -7.53 25.26
C ASP A 95 1.87 -8.78 24.40
N VAL A 96 2.71 -8.69 23.38
CA VAL A 96 2.96 -9.83 22.49
C VAL A 96 4.35 -9.68 21.93
N THR A 97 4.99 -10.79 21.69
CA THR A 97 6.29 -10.82 21.02
C THR A 97 6.12 -11.55 19.69
N GLU A 99 7.72 -13.42 16.58
CA GLU A 99 8.89 -14.22 16.27
C GLU A 99 9.63 -13.65 15.05
N PRO A 100 10.93 -13.94 14.91
CA PRO A 100 11.64 -13.52 13.68
C PRO A 100 10.93 -14.01 12.44
N GLY A 101 10.69 -13.11 11.51
CA GLY A 101 10.10 -13.47 10.23
C GLY A 101 8.62 -13.72 10.25
N LYS A 102 7.93 -13.45 11.36
CA LYS A 102 6.53 -13.82 11.48
C LYS A 102 5.64 -12.61 11.73
N ALA A 103 4.33 -12.79 11.60
CA ALA A 103 3.36 -11.74 11.89
C ALA A 103 2.54 -12.13 13.12
N VAL A 104 1.76 -11.18 13.62
CA VAL A 104 0.74 -11.48 14.62
CA VAL A 104 0.75 -11.47 14.63
C VAL A 104 -0.51 -10.72 14.26
N ILE A 105 -1.65 -11.27 14.68
CA ILE A 105 -2.96 -10.67 14.47
C ILE A 105 -3.60 -10.49 15.85
N SER A 106 -4.17 -9.31 16.09
CA SER A 106 -4.84 -9.08 17.35
C SER A 106 -6.09 -9.93 17.49
N ASP A 107 -6.53 -10.08 18.74
CA ASP A 107 -7.87 -10.53 19.01
C ASP A 107 -8.85 -9.56 18.34
N PRO A 108 -10.06 -10.03 18.03
CA PRO A 108 -11.05 -9.13 17.43
C PRO A 108 -11.42 -8.05 18.44
N ILE A 109 -11.74 -6.86 17.96
CA ILE A 109 -12.08 -5.74 18.82
C ILE A 109 -13.24 -4.95 18.23
N SER A 110 -14.18 -4.55 19.07
CA SER A 110 -15.25 -3.68 18.59
CA SER A 110 -15.25 -3.68 18.62
C SER A 110 -14.72 -2.26 18.51
N PHE A 111 -15.00 -1.59 17.41
CA PHE A 111 -14.58 -0.21 17.21
C PHE A 111 -15.50 0.37 16.16
N ASN A 112 -15.92 1.60 16.35
CA ASN A 112 -16.77 2.29 15.37
C ASN A 112 -15.90 2.80 14.23
N LEU A 113 -15.69 1.98 13.22
CA LEU A 113 -14.82 2.33 12.11
C LEU A 113 -15.68 2.89 11.00
N LYS A 114 -15.54 4.16 10.71
CA LYS A 114 -16.24 4.80 9.66
C LYS A 114 -15.42 4.78 8.34
N PRO A 115 -16.15 4.89 7.19
CA PRO A 115 -15.40 4.92 5.91
C PRO A 115 -14.43 6.08 5.92
N ARG A 116 -13.23 5.84 5.42
CA ARG A 116 -12.19 6.87 5.32
C ARG A 116 -11.77 7.42 6.68
N LEU A 118 -9.55 8.15 9.87
CA LEU A 118 -8.16 8.21 10.25
C LEU A 118 -8.02 7.55 11.61
N VAL A 119 -7.29 6.47 11.66
CA VAL A 119 -7.10 5.67 12.88
C VAL A 119 -5.67 5.87 13.36
N ALA A 120 -5.52 6.27 14.61
CA ALA A 120 -4.21 6.34 15.25
C ALA A 120 -3.95 5.01 15.96
N ILE A 121 -2.82 4.38 15.65
CA ILE A 121 -2.36 3.15 16.26
C ILE A 121 -1.15 3.52 17.08
N THR A 122 -1.17 3.33 18.39
CA THR A 122 -0.08 3.71 19.28
C THR A 122 0.51 2.44 19.87
N ILE A 123 1.79 2.20 19.59
CA ILE A 123 2.48 1.00 20.05
C ILE A 123 3.56 1.42 21.04
N SER A 124 3.58 0.83 22.21
CA SER A 124 4.73 0.96 23.08
CA SER A 124 4.71 0.93 23.13
C SER A 124 5.55 -0.33 22.98
N PHE A 125 6.81 -0.18 22.62
CA PHE A 125 7.69 -1.32 22.34
C PHE A 125 8.55 -1.67 23.54
N GLY A 126 8.88 -2.94 23.67
CA GLY A 126 10.00 -3.38 24.49
C GLY A 126 11.21 -3.54 23.60
N GLU A 127 11.84 -4.71 23.62
CA GLU A 127 12.96 -4.95 22.72
C GLU A 127 12.50 -5.07 21.27
N THR A 128 13.27 -4.49 20.35
CA THR A 128 12.95 -4.51 18.93
C THR A 128 14.16 -5.01 18.13
N SER A 129 14.00 -5.12 16.81
CA SER A 129 15.01 -5.67 15.91
C SER A 129 15.65 -4.53 15.13
N PRO A 130 16.97 -4.42 15.08
CA PRO A 130 17.58 -3.33 14.28
C PRO A 130 17.28 -3.45 12.80
N ASP A 131 17.10 -4.66 12.31
CA ASP A 131 16.49 -4.85 10.99
C ASP A 131 14.98 -4.78 11.16
N VAL A 132 14.45 -3.66 10.83
CA VAL A 132 13.07 -3.32 11.09
C VAL A 132 12.19 -3.69 9.90
N THR A 133 11.04 -4.27 10.18
CA THR A 133 10.00 -4.51 9.17
C THR A 133 9.09 -3.30 9.12
N GLY A 134 8.91 -2.74 7.94
CA GLY A 134 8.08 -1.55 7.82
C GLY A 134 7.82 -1.20 6.38
N HIS A 135 7.32 0.03 6.22
CA HIS A 135 6.91 0.56 4.92
C HIS A 135 7.42 1.99 4.87
N PRO A 136 8.59 2.22 4.28
CA PRO A 136 9.17 3.58 4.26
C PRO A 136 8.27 4.61 3.58
N GLY A 137 7.63 4.25 2.49
CA GLY A 137 6.83 5.22 1.75
C GLY A 137 5.43 5.41 2.27
N SER A 138 5.30 5.75 3.55
CA SER A 138 3.99 5.90 4.16
C SER A 138 3.22 7.09 3.64
N ARG A 139 3.88 8.12 3.17
CA ARG A 139 3.24 9.39 2.83
C ARG A 139 2.51 9.98 4.03
N THR A 140 2.91 9.61 5.23
CA THR A 140 2.19 9.94 6.45
C THR A 140 3.18 10.06 7.60
N THR A 141 3.06 11.11 8.39
CA THR A 141 3.94 11.33 9.53
C THR A 141 3.56 10.42 10.70
N SER A 142 4.56 9.78 11.28
CA SER A 142 4.48 9.03 12.52
C SER A 142 5.24 9.78 13.61
N TYR A 143 5.00 9.44 14.86
CA TYR A 143 5.41 10.25 16.00
C TYR A 143 6.02 9.36 17.07
N LEU A 144 7.25 9.65 17.49
CA LEU A 144 8.01 8.79 18.39
C LEU A 144 8.38 9.51 19.67
N LEU A 145 8.14 8.87 20.81
CA LEU A 145 8.59 9.33 22.13
C LEU A 145 9.35 8.23 22.86
N ALA A 146 10.44 8.56 23.53
CA ALA A 146 11.07 7.59 24.40
C ALA A 146 10.14 7.22 25.53
N GLY A 147 10.28 6.00 26.01
CA GLY A 147 9.51 5.53 27.14
C GLY A 147 8.22 4.86 26.75
N ASP A 148 7.45 4.54 27.78
CA ASP A 148 6.20 3.80 27.62
C ASP A 148 5.11 4.84 27.86
N GLN A 149 4.54 5.39 26.79
CA GLN A 149 3.59 6.50 26.88
C GLN A 149 2.27 6.15 26.18
N SER A 150 1.61 5.18 26.76
CA SER A 150 0.43 4.57 26.18
C SER A 150 -0.87 5.15 26.71
N SER A 151 -0.83 6.10 27.62
CA SER A 151 -2.08 6.69 28.11
C SER A 151 -2.78 7.45 26.99
N PRO A 152 -4.12 7.40 26.93
CA PRO A 152 -4.82 8.20 25.91
C PRO A 152 -4.56 9.69 26.02
N ASP A 153 -4.18 10.18 27.19
CA ASP A 153 -3.90 11.60 27.37
C ASP A 153 -2.43 11.95 27.18
N ALA A 154 -1.61 11.02 26.75
CA ALA A 154 -0.20 11.32 26.53
C ALA A 154 -0.04 12.43 25.50
N ASP A 155 0.91 13.33 25.78
CA ASP A 155 1.19 14.47 24.92
C ASP A 155 2.31 14.11 23.93
N PHE A 156 1.94 14.09 22.65
CA PHE A 156 2.82 13.82 21.53
C PHE A 156 3.11 15.10 20.74
N SER A 157 2.47 16.23 21.10
CA SER A 157 2.63 17.48 20.34
C SER A 157 4.07 17.83 20.06
N GLN A 158 4.97 17.35 20.90
CA GLN A 158 6.36 17.51 20.74
C GLN A 158 7.20 16.22 20.35
N ALA A 159 6.56 15.16 19.94
CA ALA A 159 7.22 13.89 19.61
C ALA A 159 8.12 14.03 18.35
N VAL A 160 9.05 13.12 18.19
CA VAL A 160 9.92 13.11 17.01
C VAL A 160 9.12 12.64 15.81
N LYS A 161 9.11 13.41 14.74
CA LYS A 161 8.36 13.08 13.53
C LYS A 161 9.20 12.23 12.58
N THR A 162 8.57 11.27 11.94
CA THR A 162 9.23 10.45 10.94
C THR A 162 8.19 10.06 9.89
N ASP A 163 8.47 10.30 8.63
CA ASP A 163 7.51 10.04 7.55
C ASP A 163 7.67 8.63 6.99
N HIS A 164 7.45 7.68 7.87
CA HIS A 164 7.59 6.28 7.56
C HIS A 164 6.60 5.51 8.44
N TRP A 165 6.22 4.31 8.01
CA TRP A 165 5.49 3.37 8.85
C TRP A 165 6.40 2.20 9.23
N TYR A 166 6.17 1.66 10.42
CA TYR A 166 6.91 0.53 10.93
C TYR A 166 5.94 -0.47 11.54
N VAL A 167 6.15 -1.75 11.28
CA VAL A 167 5.47 -2.87 11.95
C VAL A 167 4.01 -3.08 11.51
N ILE A 168 3.20 -2.04 11.54
CA ILE A 168 1.80 -2.17 11.16
C ILE A 168 1.68 -2.72 9.74
N ASN A 169 0.67 -3.56 9.53
CA ASN A 169 0.55 -4.29 8.27
C ASN A 169 -0.88 -4.31 7.71
N GLY A 170 -1.92 -4.40 8.54
CA GLY A 170 -3.27 -4.41 7.99
C GLY A 170 -4.33 -4.24 9.04
N ILE A 171 -5.52 -3.85 8.57
CA ILE A 171 -6.75 -3.85 9.36
C ILE A 171 -7.80 -4.58 8.53
N ASP A 172 -8.44 -5.59 9.12
CA ASP A 172 -9.55 -6.27 8.50
C ASP A 172 -10.79 -6.08 9.37
N LEU A 173 -11.96 -6.22 8.75
CA LEU A 173 -13.21 -6.06 9.48
C LEU A 173 -14.18 -7.18 9.12
N ALA A 175 -17.48 -8.61 7.77
CA ALA A 175 -18.48 -8.08 6.84
C ALA A 175 -19.34 -9.18 6.23
N GLN A 176 -20.54 -8.78 5.81
CA GLN A 176 -21.41 -9.69 5.09
C GLN A 176 -20.89 -9.92 3.67
N LYS A 177 -21.62 -10.75 2.93
CA LYS A 177 -21.11 -11.31 1.70
C LYS A 177 -20.93 -10.26 0.60
N ARG A 178 -21.64 -9.15 0.69
CA ARG A 178 -21.52 -8.11 -0.32
C ARG A 178 -20.23 -7.30 -0.23
N ALA A 179 -19.48 -7.44 0.86
CA ALA A 179 -18.25 -6.69 1.01
C ALA A 179 -17.07 -7.47 0.45
N ALA A 180 -16.14 -6.76 -0.15
CA ALA A 180 -14.99 -7.40 -0.79
C ALA A 180 -13.94 -6.33 -0.89
N ALA A 181 -12.75 -6.71 -1.32
CA ALA A 181 -11.64 -5.79 -1.42
C ALA A 181 -10.93 -5.94 -2.76
N ILE A 182 -10.36 -4.84 -3.18
CA ILE A 182 -9.44 -4.78 -4.32
C ILE A 182 -8.03 -4.70 -3.78
N ALA A 183 -7.14 -5.59 -4.23
CA ALA A 183 -5.74 -5.52 -3.85
C ALA A 183 -4.97 -4.92 -5.05
N ILE A 184 -3.97 -4.11 -4.75
CA ILE A 184 -3.27 -3.37 -5.81
C ILE A 184 -1.77 -3.56 -5.64
N LEU A 185 -1.13 -4.07 -6.67
CA LEU A 185 0.29 -4.31 -6.67
C LEU A 185 0.95 -3.25 -7.51
N GLY A 186 1.92 -2.54 -6.95
CA GLY A 186 2.61 -1.50 -7.70
C GLY A 186 3.87 -1.00 -7.01
N ASN A 187 4.40 0.10 -7.56
CA ASN A 187 5.66 0.72 -7.13
C ASN A 187 5.32 2.10 -6.54
N SER A 188 6.25 3.06 -6.59
CA SER A 188 6.04 4.40 -6.01
CA SER A 188 5.92 4.30 -5.90
C SER A 188 4.85 5.11 -6.62
N ILE A 189 4.54 4.82 -7.88
CA ILE A 189 3.41 5.50 -8.52
C ILE A 189 2.12 5.03 -7.87
N THR A 190 2.12 3.91 -7.19
CA THR A 190 0.95 3.43 -6.47
C THR A 190 1.03 3.71 -4.99
N ASP A 191 2.19 3.52 -4.35
CA ASP A 191 2.25 3.87 -2.94
C ASP A 191 2.37 5.35 -2.68
N GLY A 192 2.51 6.17 -3.71
CA GLY A 192 2.19 7.59 -3.57
C GLY A 192 3.29 8.61 -3.56
N ARG A 193 4.45 8.38 -4.18
CA ARG A 193 5.43 9.46 -4.29
C ARG A 193 4.79 10.57 -5.13
N GLY A 194 4.83 11.80 -4.64
CA GLY A 194 4.17 12.90 -5.29
C GLY A 194 2.80 13.22 -4.72
N SER A 195 2.23 12.33 -3.92
CA SER A 195 1.00 12.61 -3.21
C SER A 195 1.31 13.46 -1.97
N GLY A 196 0.30 14.08 -1.37
CA GLY A 196 0.54 14.98 -0.25
C GLY A 196 0.74 14.24 1.06
N THR A 197 1.78 14.58 1.79
CA THR A 197 2.03 13.94 3.09
C THR A 197 0.90 14.30 4.04
N ASN A 198 0.33 13.26 4.67
CA ASN A 198 -0.80 13.38 5.57
C ASN A 198 -2.09 13.73 4.85
N LYS A 199 -2.13 13.69 3.53
CA LYS A 199 -3.35 14.02 2.79
C LYS A 199 -4.06 12.76 2.31
N GLN A 200 -3.48 11.59 2.45
CA GLN A 200 -4.08 10.31 2.10
C GLN A 200 -4.72 10.40 0.73
N ASP A 201 -3.92 10.75 -0.29
CA ASP A 201 -4.45 11.04 -1.61
C ASP A 201 -3.60 10.40 -2.70
N ARG A 202 -3.08 9.22 -2.42
CA ARG A 202 -2.52 8.32 -3.41
C ARG A 202 -3.63 7.88 -4.37
N TRP A 203 -3.29 7.39 -5.56
CA TRP A 203 -4.39 7.03 -6.47
C TRP A 203 -5.32 5.97 -5.88
N PRO A 204 -4.85 4.98 -5.11
CA PRO A 204 -5.81 4.02 -4.53
C PRO A 204 -6.74 4.67 -3.52
N ASP A 205 -6.28 5.71 -2.82
CA ASP A 205 -7.18 6.47 -1.96
C ASP A 205 -8.27 7.15 -2.76
N GLU A 206 -7.89 7.75 -3.87
CA GLU A 206 -8.85 8.40 -4.72
C GLU A 206 -9.85 7.41 -5.29
N LEU A 207 -9.40 6.19 -5.59
CA LEU A 207 -10.32 5.15 -6.01
C LEU A 207 -11.27 4.78 -4.87
N ALA A 208 -10.73 4.62 -3.67
CA ALA A 208 -11.57 4.31 -2.52
C ALA A 208 -12.68 5.33 -2.36
N LEU A 209 -12.34 6.62 -2.51
CA LEU A 209 -13.33 7.68 -2.38
C LEU A 209 -14.42 7.53 -3.43
N ARG A 210 -14.03 7.23 -4.68
CA ARG A 210 -15.02 7.04 -5.74
C ARG A 210 -15.93 5.86 -5.45
N LEU A 211 -15.35 4.76 -4.96
CA LEU A 211 -16.16 3.59 -4.65
C LEU A 211 -17.17 3.90 -3.55
N LEU A 212 -16.74 4.63 -2.51
CA LEU A 212 -17.58 4.84 -1.35
C LEU A 212 -18.73 5.76 -1.67
N LYS A 213 -18.57 6.62 -2.62
CA LYS A 213 -19.67 7.50 -2.94
C LYS A 213 -20.62 6.98 -3.98
N ASN A 214 -20.25 5.92 -4.64
CA ASN A 214 -21.10 5.22 -5.59
C ASN A 214 -21.86 4.13 -4.85
N LYS A 215 -23.18 4.30 -4.69
CA LYS A 215 -23.93 3.42 -3.79
C LYS A 215 -23.68 1.95 -4.10
N ARG A 216 -23.61 1.57 -5.37
CA ARG A 216 -23.43 0.16 -5.68
C ARG A 216 -22.12 -0.41 -5.12
N THR A 217 -21.05 0.37 -5.07
CA THR A 217 -19.73 -0.12 -4.68
C THR A 217 -19.35 0.30 -3.26
N ARG A 218 -20.31 0.69 -2.45
CA ARG A 218 -19.98 1.31 -1.16
C ARG A 218 -19.38 0.32 -0.18
N ASP A 219 -19.49 -0.99 -0.43
CA ASP A 219 -18.89 -1.99 0.46
C ASP A 219 -17.62 -2.60 -0.10
N ILE A 220 -16.96 -1.92 -1.00
CA ILE A 220 -15.74 -2.42 -1.61
CA ILE A 220 -15.73 -2.43 -1.61
C ILE A 220 -14.55 -1.66 -1.05
N GLY A 221 -13.63 -2.38 -0.40
CA GLY A 221 -12.44 -1.78 0.17
C GLY A 221 -11.26 -1.84 -0.77
N VAL A 222 -10.19 -1.15 -0.37
CA VAL A 222 -9.00 -0.98 -1.21
C VAL A 222 -7.76 -1.25 -0.37
N LEU A 223 -6.93 -2.18 -0.84
CA LEU A 223 -5.69 -2.59 -0.19
C LEU A 223 -4.51 -2.19 -1.07
N ASN A 224 -3.82 -1.12 -0.66
CA ASN A 224 -2.72 -0.57 -1.45
C ASN A 224 -1.43 -1.29 -1.11
N GLY A 226 1.32 -1.16 -2.96
CA GLY A 226 2.48 -0.57 -3.61
C GLY A 226 3.69 -0.53 -2.69
N ILE A 227 4.87 -0.59 -3.29
CA ILE A 227 6.14 -0.41 -2.58
C ILE A 227 6.99 0.56 -3.40
N GLY A 228 7.42 1.66 -2.79
CA GLY A 228 8.26 2.59 -3.51
C GLY A 228 9.51 1.94 -4.05
N GLY A 229 9.80 2.18 -5.31
CA GLY A 229 10.99 1.63 -5.93
C GLY A 229 10.94 0.14 -6.25
N ASN A 230 9.77 -0.48 -6.16
CA ASN A 230 9.67 -1.92 -6.30
C ASN A 230 9.86 -2.37 -7.74
N CYS A 231 10.46 -3.54 -7.90
CA CYS A 231 10.54 -4.21 -9.18
C CYS A 231 9.71 -5.48 -9.17
N VAL A 232 9.31 -5.89 -10.39
CA VAL A 232 8.58 -7.15 -10.55
C VAL A 232 9.51 -8.33 -10.52
N LEU A 233 10.64 -8.23 -11.22
CA LEU A 233 11.46 -9.39 -11.56
C LEU A 233 12.69 -9.55 -10.68
N HIS A 234 13.46 -8.49 -10.48
CA HIS A 234 14.73 -8.58 -9.76
C HIS A 234 15.18 -7.16 -9.41
N GLY A 235 15.96 -7.05 -8.33
CA GLY A 235 16.47 -5.75 -7.93
C GLY A 235 15.38 -4.89 -7.29
N GLY A 236 15.59 -3.58 -7.34
CA GLY A 236 14.64 -2.66 -6.77
C GLY A 236 14.67 -2.62 -5.25
N LEU A 237 13.72 -1.89 -4.71
CA LEU A 237 13.55 -1.71 -3.27
C LEU A 237 12.45 -2.65 -2.80
N GLY A 238 12.66 -3.25 -1.64
CA GLY A 238 11.75 -4.22 -1.09
C GLY A 238 11.75 -5.53 -1.85
N PRO A 239 10.99 -6.52 -1.38
CA PRO A 239 10.91 -7.80 -2.08
C PRO A 239 10.22 -7.58 -3.42
N THR A 240 10.65 -8.32 -4.43
CA THR A 240 10.05 -8.12 -5.74
C THR A 240 8.56 -8.48 -5.70
N ALA A 241 7.83 -7.97 -6.69
CA ALA A 241 6.42 -8.31 -6.78
C ALA A 241 6.20 -9.81 -6.86
N LEU A 242 7.00 -10.53 -7.65
CA LEU A 242 6.83 -11.97 -7.72
C LEU A 242 7.05 -12.61 -6.36
N SER A 243 8.08 -12.16 -5.65
CA SER A 243 8.41 -12.76 -4.35
CA SER A 243 8.39 -12.79 -4.36
C SER A 243 7.30 -12.53 -3.34
N ARG A 244 6.69 -11.34 -3.36
CA ARG A 244 5.73 -10.94 -2.32
C ARG A 244 4.29 -11.24 -2.71
N PHE A 245 4.05 -11.81 -3.89
CA PHE A 245 2.69 -11.94 -4.40
C PHE A 245 1.81 -12.74 -3.47
N ASN A 246 2.28 -13.86 -2.97
CA ASN A 246 1.45 -14.70 -2.13
C ASN A 246 1.08 -13.98 -0.84
N ARG A 247 2.08 -13.40 -0.17
CA ARG A 247 1.84 -12.72 1.11
C ARG A 247 0.97 -11.48 0.93
N ASP A 248 1.34 -10.62 -0.01
CA ASP A 248 0.76 -9.29 -0.07
C ASP A 248 -0.55 -9.27 -0.82
N ILE A 249 -0.81 -10.28 -1.66
CA ILE A 249 -2.04 -10.33 -2.46
C ILE A 249 -2.90 -11.52 -2.07
N LEU A 250 -2.39 -12.71 -2.31
CA LEU A 250 -3.22 -13.91 -2.14
C LEU A 250 -3.66 -14.20 -0.72
N LYS A 251 -2.88 -13.80 0.27
CA LYS A 251 -3.20 -14.02 1.66
C LYS A 251 -4.00 -12.89 2.30
N GLN A 252 -4.44 -11.88 1.53
CA GLN A 252 -5.34 -10.86 2.07
C GLN A 252 -6.72 -11.44 2.21
N HIS A 253 -7.59 -10.75 2.95
CA HIS A 253 -8.93 -11.21 3.26
C HIS A 253 -9.97 -10.54 2.39
N GLY A 254 -10.82 -11.36 1.78
CA GLY A 254 -11.93 -10.84 1.04
C GLY A 254 -11.61 -10.28 -0.32
N VAL A 255 -10.43 -10.53 -0.85
CA VAL A 255 -10.05 -9.96 -2.14
C VAL A 255 -10.76 -10.65 -3.28
N ARG A 256 -11.44 -9.82 -4.09
CA ARG A 256 -12.09 -10.49 -5.30
CA ARG A 256 -12.09 -10.49 -5.30
C ARG A 256 -11.42 -9.89 -6.69
N TRP A 257 -10.61 -8.78 -6.55
CA TRP A 257 -9.97 -8.17 -7.72
C TRP A 257 -8.56 -7.78 -7.36
N LEU A 258 -7.67 -7.94 -8.33
CA LEU A 258 -6.30 -7.51 -8.24
C LEU A 258 -6.05 -6.54 -9.39
N ILE A 259 -5.40 -5.40 -9.11
CA ILE A 259 -4.87 -4.51 -10.15
C ILE A 259 -3.36 -4.66 -10.12
N ILE A 260 -2.78 -5.05 -11.24
CA ILE A 260 -1.32 -5.09 -11.40
C ILE A 260 -0.92 -3.85 -12.18
N PHE A 261 -0.05 -3.02 -11.60
CA PHE A 261 0.44 -1.81 -12.25
C PHE A 261 1.89 -1.62 -11.83
N GLU A 262 2.80 -2.27 -12.55
CA GLU A 262 4.18 -2.31 -12.07
C GLU A 262 5.08 -2.77 -13.21
N GLY A 263 6.34 -2.35 -13.16
CA GLY A 263 7.34 -2.77 -14.12
C GLY A 263 8.22 -1.65 -14.61
N VAL A 264 7.87 -0.38 -14.38
CA VAL A 264 8.73 0.68 -14.86
C VAL A 264 10.12 0.61 -14.25
N ASN A 265 10.23 0.21 -12.97
CA ASN A 265 11.56 0.16 -12.39
C ASN A 265 12.42 -0.94 -13.02
N ASP A 266 11.79 -2.05 -13.40
CA ASP A 266 12.51 -3.09 -14.09
C ASP A 266 13.08 -2.55 -15.40
N ILE A 267 12.26 -1.82 -16.16
CA ILE A 267 12.70 -1.23 -17.43
C ILE A 267 13.75 -0.17 -17.18
N GLY A 268 13.54 0.66 -16.15
CA GLY A 268 14.44 1.75 -15.84
C GLY A 268 15.83 1.29 -15.46
N GLY A 269 15.97 0.06 -14.99
CA GLY A 269 17.26 -0.46 -14.61
C GLY A 269 18.07 -1.09 -15.72
N THR A 270 17.61 -1.03 -16.98
CA THR A 270 18.28 -1.81 -18.01
C THR A 270 19.35 -0.98 -18.73
N PRO A 271 20.51 -1.57 -19.01
CA PRO A 271 21.61 -0.79 -19.57
C PRO A 271 21.68 -0.74 -21.09
N ASP A 272 20.88 -1.54 -21.79
CA ASP A 272 20.92 -1.56 -23.25
C ASP A 272 19.65 -2.22 -23.78
N LYS A 273 19.54 -2.21 -25.11
CA LYS A 273 18.36 -2.71 -25.79
C LYS A 273 18.12 -4.17 -25.48
N GLU A 274 19.16 -4.99 -25.54
CA GLU A 274 18.95 -6.41 -25.30
C GLU A 274 18.41 -6.67 -23.90
N ALA A 275 18.94 -5.98 -22.89
CA ALA A 275 18.47 -6.15 -21.53
C ALA A 275 17.03 -5.67 -21.40
N ALA A 276 16.71 -4.56 -22.06
CA ALA A 276 15.36 -3.99 -21.96
C ALA A 276 14.35 -4.89 -22.65
N ASP A 277 14.69 -5.46 -23.81
CA ASP A 277 13.78 -6.38 -24.47
C ASP A 277 13.56 -7.62 -23.61
N LYS A 278 14.62 -8.11 -22.97
CA LYS A 278 14.48 -9.26 -22.08
C LYS A 278 13.56 -8.94 -20.92
N VAL A 279 13.70 -7.74 -20.33
CA VAL A 279 12.81 -7.33 -19.25
C VAL A 279 11.38 -7.26 -19.74
N ALA A 280 11.15 -6.72 -20.95
CA ALA A 280 9.78 -6.65 -21.43
C ALA A 280 9.16 -8.04 -21.48
N GLN A 281 9.89 -9.01 -22.03
CA GLN A 281 9.36 -10.38 -22.07
C GLN A 281 9.21 -10.97 -20.67
N GLY A 282 10.14 -10.65 -19.77
CA GLY A 282 10.03 -11.14 -18.41
C GLY A 282 8.81 -10.59 -17.69
N LEU A 283 8.51 -9.31 -17.93
CA LEU A 283 7.32 -8.71 -17.33
C LEU A 283 6.07 -9.39 -17.85
N ILE A 284 6.00 -9.62 -19.16
CA ILE A 284 4.85 -10.30 -19.73
C ILE A 284 4.68 -11.67 -19.07
N ALA A 285 5.78 -12.43 -18.96
CA ALA A 285 5.69 -13.74 -18.32
C ALA A 285 5.24 -13.63 -16.87
N ALA A 286 5.76 -12.64 -16.15
CA ALA A 286 5.38 -12.45 -14.75
C ALA A 286 3.91 -12.11 -14.63
N TYR A 287 3.41 -11.24 -15.49
CA TYR A 287 1.98 -10.94 -15.48
C TYR A 287 1.16 -12.20 -15.68
N ASP A 288 1.56 -13.06 -16.64
CA ASP A 288 0.76 -14.23 -16.90
C ASP A 288 0.78 -15.15 -15.66
N LYS A 289 1.94 -15.28 -15.01
CA LYS A 289 2.04 -16.11 -13.82
C LYS A 289 1.12 -15.61 -12.73
N ILE A 291 -1.50 -13.55 -13.05
CA ILE A 291 -2.88 -13.69 -13.48
C ILE A 291 -3.37 -15.11 -13.19
N ASP A 292 -2.56 -16.09 -13.58
CA ASP A 292 -2.97 -17.47 -13.40
C ASP A 292 -3.13 -17.83 -11.92
N GLU A 293 -2.19 -17.38 -11.09
CA GLU A 293 -2.27 -17.71 -9.68
C GLU A 293 -3.47 -17.07 -9.01
N ALA A 294 -3.77 -15.83 -9.37
CA ALA A 294 -4.96 -15.17 -8.85
C ALA A 294 -6.23 -15.85 -9.34
N HIS A 295 -6.27 -16.20 -10.63
CA HIS A 295 -7.44 -16.87 -11.16
C HIS A 295 -7.72 -18.17 -10.43
N ALA A 296 -6.68 -18.91 -10.07
CA ALA A 296 -6.87 -20.18 -9.37
C ALA A 296 -7.49 -20.00 -8.00
N LYS A 297 -7.45 -18.79 -7.46
CA LYS A 297 -8.06 -18.40 -6.19
C LYS A 297 -9.34 -17.62 -6.40
N GLY A 298 -9.84 -17.55 -7.62
CA GLY A 298 -11.10 -16.88 -7.91
C GLY A 298 -11.05 -15.37 -7.97
N ILE A 299 -9.88 -14.79 -8.18
CA ILE A 299 -9.69 -13.33 -8.19
C ILE A 299 -9.58 -12.87 -9.64
N LYS A 300 -10.33 -11.83 -10.01
CA LYS A 300 -10.21 -11.20 -11.32
C LYS A 300 -9.02 -10.27 -11.34
N VAL A 301 -8.38 -10.11 -12.49
CA VAL A 301 -7.11 -9.40 -12.56
C VAL A 301 -7.18 -8.35 -13.67
N TYR A 302 -6.93 -7.10 -13.31
CA TYR A 302 -6.94 -5.97 -14.22
C TYR A 302 -5.53 -5.43 -14.34
N GLY A 303 -5.14 -5.10 -15.57
CA GLY A 303 -3.78 -4.67 -15.83
C GLY A 303 -3.72 -3.17 -16.12
N GLY A 304 -2.80 -2.49 -15.45
CA GLY A 304 -2.58 -1.06 -15.68
C GLY A 304 -1.41 -0.87 -16.63
N THR A 305 -1.64 -0.10 -17.69
CA THR A 305 -0.55 0.22 -18.60
C THR A 305 0.49 1.13 -17.92
N ILE A 306 1.76 0.87 -18.22
CA ILE A 306 2.90 1.60 -17.65
C ILE A 306 2.91 3.01 -18.20
N THR A 307 2.97 4.00 -17.30
CA THR A 307 2.86 5.39 -17.67
C THR A 307 4.16 5.93 -18.25
N PRO A 308 4.09 7.11 -18.89
CA PRO A 308 5.25 7.65 -19.59
C PRO A 308 6.49 7.90 -18.74
N ILE A 309 7.62 7.88 -19.43
CA ILE A 309 8.92 8.13 -18.84
C ILE A 309 9.75 9.20 -19.55
N LYS A 310 9.34 9.66 -20.74
CA LYS A 310 10.18 10.64 -21.44
C LYS A 310 10.26 11.93 -20.62
N LYS A 311 11.43 12.54 -20.65
CA LYS A 311 11.84 13.69 -19.85
C LYS A 311 12.21 13.31 -18.41
N SER A 312 12.05 12.07 -18.00
CA SER A 312 12.48 11.62 -16.69
C SER A 312 13.89 11.04 -16.77
N PHE A 313 14.47 10.83 -15.58
CA PHE A 313 15.79 10.23 -15.48
C PHE A 313 15.82 8.83 -16.07
N TYR A 314 14.69 8.17 -16.15
CA TYR A 314 14.65 6.82 -16.68
C TYR A 314 14.68 6.75 -18.20
N TYR A 315 14.44 7.84 -18.90
CA TYR A 315 14.22 7.72 -20.33
C TYR A 315 15.48 7.31 -21.07
N LYS A 316 15.35 6.28 -21.92
CA LYS A 316 16.24 5.96 -23.02
C LYS A 316 15.35 5.47 -24.14
N ASP A 317 15.78 5.64 -25.38
CA ASP A 317 14.98 5.20 -26.51
C ASP A 317 14.66 3.70 -26.46
N TYR A 318 15.62 2.90 -26.01
CA TYR A 318 15.42 1.45 -25.95
C TYR A 318 14.49 1.05 -24.76
N ARG A 319 14.50 1.86 -23.70
CA ARG A 319 13.58 1.63 -22.58
C ARG A 319 12.15 1.98 -22.98
N GLU A 320 11.98 3.04 -23.77
CA GLU A 320 10.65 3.40 -24.27
C GLU A 320 10.12 2.28 -25.19
N THR A 321 10.98 1.70 -26.02
CA THR A 321 10.55 0.59 -26.86
C THR A 321 10.04 -0.56 -26.00
N ALA A 322 10.75 -0.89 -24.92
CA ALA A 322 10.30 -1.96 -24.04
C ALA A 322 8.98 -1.62 -23.38
N ARG A 323 8.82 -0.35 -22.95
CA ARG A 323 7.54 0.06 -22.36
C ARG A 323 6.40 -0.13 -23.34
N GLN A 324 6.63 0.21 -24.62
CA GLN A 324 5.59 0.01 -25.63
C GLN A 324 5.31 -1.47 -25.86
N THR A 325 6.34 -2.31 -25.84
CA THR A 325 6.12 -3.75 -26.00
C THR A 325 5.21 -4.26 -24.89
N VAL A 326 5.48 -3.88 -23.66
CA VAL A 326 4.67 -4.34 -22.53
C VAL A 326 3.26 -3.81 -22.67
N ASN A 327 3.10 -2.51 -22.94
CA ASN A 327 1.77 -1.94 -23.00
C ASN A 327 0.95 -2.53 -24.14
N LYS A 328 1.59 -2.87 -25.26
CA LYS A 328 0.85 -3.50 -26.34
C LYS A 328 0.30 -4.85 -25.90
N TRP A 329 1.09 -5.60 -25.13
CA TRP A 329 0.62 -6.88 -24.64
C TRP A 329 -0.50 -6.71 -23.64
N ILE A 330 -0.37 -5.77 -22.72
CA ILE A 330 -1.44 -5.52 -21.77
C ILE A 330 -2.73 -5.18 -22.52
N ARG A 331 -2.63 -4.31 -23.52
CA ARG A 331 -3.83 -3.84 -24.19
C ARG A 331 -4.43 -4.89 -25.11
N THR A 332 -3.61 -5.75 -25.71
CA THR A 332 -4.12 -6.59 -26.82
C THR A 332 -4.06 -8.09 -26.58
N SER A 333 -3.41 -8.57 -25.53
CA SER A 333 -3.27 -10.01 -25.39
C SER A 333 -4.58 -10.66 -24.97
N GLY A 334 -5.44 -9.92 -24.29
CA GLY A 334 -6.64 -10.49 -23.70
C GLY A 334 -6.40 -11.34 -22.46
N HIS A 335 -5.17 -11.37 -21.94
CA HIS A 335 -4.92 -12.21 -20.77
C HIS A 335 -5.38 -11.57 -19.47
N PHE A 336 -5.32 -10.26 -19.38
CA PHE A 336 -5.97 -9.58 -18.27
C PHE A 336 -7.48 -9.59 -18.48
N ASP A 337 -8.24 -9.62 -17.37
CA ASP A 337 -9.69 -9.57 -17.45
C ASP A 337 -10.21 -8.22 -17.93
N ALA A 338 -9.45 -7.16 -17.77
CA ALA A 338 -9.77 -5.84 -18.29
C ALA A 338 -8.50 -5.03 -18.15
N VAL A 339 -8.46 -3.91 -18.85
CA VAL A 339 -7.31 -3.02 -18.91
C VAL A 339 -7.69 -1.69 -18.31
N ILE A 340 -6.88 -1.20 -17.38
CA ILE A 340 -7.01 0.13 -16.79
C ILE A 340 -5.91 0.95 -17.45
N ASP A 341 -6.27 1.83 -18.39
CA ASP A 341 -5.26 2.43 -19.25
C ASP A 341 -4.76 3.74 -18.65
N PHE A 342 -3.91 3.56 -17.63
CA PHE A 342 -3.30 4.70 -16.96
C PHE A 342 -2.40 5.50 -17.91
N ASP A 343 -1.71 4.82 -18.84
CA ASP A 343 -0.91 5.53 -19.82
C ASP A 343 -1.77 6.52 -20.58
N LYS A 344 -2.93 6.16 -21.15
CA LYS A 344 -3.75 7.09 -21.91
C LYS A 344 -4.34 8.17 -21.01
N ALA A 345 -4.58 7.85 -19.73
CA ALA A 345 -5.10 8.91 -18.87
C ALA A 345 -4.04 9.96 -18.56
N ARG A 347 -0.91 10.58 -20.15
CA ARG A 347 0.01 11.08 -21.15
C ARG A 347 -0.48 12.41 -21.70
N ASN A 348 0.48 13.27 -22.06
CA ASN A 348 0.15 14.59 -22.59
C ASN A 348 -0.47 14.44 -23.96
N PRO A 349 -1.69 14.95 -24.19
CA PRO A 349 -2.27 14.82 -25.54
C PRO A 349 -1.41 15.45 -26.63
N LYS A 350 -0.68 16.48 -26.30
CA LYS A 350 0.21 17.14 -27.26
C LYS A 350 1.60 16.49 -27.38
N ASP A 351 1.94 15.52 -26.51
CA ASP A 351 3.23 14.82 -26.63
C ASP A 351 3.04 13.52 -25.86
N THR A 352 2.52 12.51 -26.55
CA THR A 352 1.97 11.35 -25.88
C THR A 352 3.02 10.46 -25.22
N LEU A 353 4.30 10.71 -25.43
CA LEU A 353 5.34 9.95 -24.76
C LEU A 353 5.71 10.52 -23.42
N THR A 354 5.12 11.64 -23.00
CA THR A 354 5.46 12.31 -21.74
CA THR A 354 5.46 12.23 -21.71
C THR A 354 4.19 12.43 -20.88
N LEU A 355 4.39 12.54 -19.58
CA LEU A 355 3.28 12.84 -18.69
C LEU A 355 2.73 14.23 -18.96
N ARG A 356 1.44 14.40 -18.73
CA ARG A 356 0.82 15.72 -18.68
C ARG A 356 1.62 16.63 -17.75
N PRO A 357 2.10 17.77 -18.22
CA PRO A 357 3.02 18.56 -17.39
C PRO A 357 2.42 19.00 -16.06
N GLU A 358 1.17 19.42 -16.04
CA GLU A 358 0.57 19.91 -14.80
C GLU A 358 0.21 18.81 -13.83
N ALA A 359 0.32 17.55 -14.22
CA ALA A 359 -0.11 16.41 -13.40
C ALA A 359 1.06 15.57 -12.91
N GLN A 360 2.23 16.17 -12.86
CA GLN A 360 3.42 15.47 -12.40
C GLN A 360 4.24 16.31 -11.45
N SER A 361 5.05 15.57 -10.66
CA SER A 361 5.71 16.08 -9.45
CA SER A 361 5.71 16.06 -9.45
C SER A 361 6.97 16.88 -9.73
N GLY A 362 7.39 16.98 -10.99
CA GLY A 362 8.57 17.70 -11.41
C GLY A 362 9.62 16.84 -12.05
N ASP A 363 9.55 15.52 -11.89
CA ASP A 363 10.51 14.57 -12.38
C ASP A 363 10.04 13.79 -13.61
N TYR A 364 8.84 14.08 -14.10
CA TYR A 364 8.31 13.42 -15.31
C TYR A 364 8.19 11.93 -15.16
N LEU A 365 8.10 11.45 -13.92
CA LEU A 365 7.93 10.03 -13.65
C LEU A 365 6.80 9.80 -12.67
N HIS A 366 6.80 10.54 -11.57
CA HIS A 366 5.78 10.38 -10.51
C HIS A 366 4.72 11.44 -10.70
N PRO A 367 3.44 11.05 -10.79
CA PRO A 367 2.36 12.04 -10.80
C PRO A 367 2.32 12.84 -9.52
N ASN A 368 1.57 13.95 -9.58
CA ASN A 368 1.22 14.71 -8.39
C ASN A 368 -0.21 14.40 -7.97
N GLU A 369 -0.73 15.17 -7.03
CA GLU A 369 -2.06 14.89 -6.50
C GLU A 369 -3.13 14.95 -7.56
N LEU A 370 -3.09 15.97 -8.42
CA LEU A 370 -4.01 16.04 -9.54
C LEU A 370 -3.87 14.80 -10.42
N GLY A 371 -2.65 14.39 -10.72
CA GLY A 371 -2.45 13.21 -11.51
C GLY A 371 -3.05 11.96 -10.89
N TYR A 372 -2.89 11.80 -9.59
CA TYR A 372 -3.44 10.61 -8.95
C TYR A 372 -4.98 10.64 -9.00
N ARG A 373 -5.56 11.83 -8.95
CA ARG A 373 -7.01 11.98 -9.03
C ARG A 373 -7.43 11.56 -10.44
N ILE A 374 -6.75 12.10 -11.44
CA ILE A 374 -7.00 11.71 -12.87
C ILE A 374 -6.93 10.18 -13.06
N ALA A 376 -7.28 7.70 -10.80
CA ALA A 376 -8.42 7.03 -10.20
C ALA A 376 -9.70 7.30 -10.98
N GLY A 377 -9.82 8.51 -11.53
CA GLY A 377 -11.01 8.88 -12.27
C GLY A 377 -11.16 8.12 -13.56
N ALA A 378 -10.09 7.53 -14.07
CA ALA A 378 -10.08 6.80 -15.31
C ALA A 378 -10.50 5.34 -15.14
N ILE A 379 -10.74 4.89 -13.91
CA ILE A 379 -11.09 3.50 -13.64
C ILE A 379 -12.61 3.34 -13.76
N ASP A 380 -13.04 2.37 -14.56
CA ASP A 380 -14.47 2.12 -14.70
C ASP A 380 -14.93 1.33 -13.46
N LEU A 381 -15.78 1.94 -12.64
CA LEU A 381 -16.20 1.28 -11.40
C LEU A 381 -17.04 0.04 -11.65
N SER A 382 -17.58 -0.13 -12.85
CA SER A 382 -18.31 -1.35 -13.16
CA SER A 382 -18.31 -1.35 -13.16
C SER A 382 -17.42 -2.58 -13.19
N LEU A 383 -16.10 -2.39 -13.14
CA LEU A 383 -15.16 -3.51 -13.01
C LEU A 383 -15.26 -4.18 -11.64
N PHE A 384 -15.95 -3.57 -10.69
CA PHE A 384 -16.03 -4.11 -9.31
C PHE A 384 -17.52 -4.37 -9.04
N LYS A 385 -17.99 -5.58 -9.37
CA LYS A 385 -19.38 -5.99 -9.17
C LYS A 385 -19.46 -7.21 -8.28
N GLU A 386 -20.53 -7.29 -7.53
CA GLU A 386 -20.80 -8.48 -6.74
C GLU A 386 -22.10 -9.12 -7.16
#